data_6MQ5
#
_entry.id   6MQ5
#
_cell.length_a   40.975
_cell.length_b   114.022
_cell.length_c   46.649
_cell.angle_alpha   90.00
_cell.angle_beta   99.85
_cell.angle_gamma   90.00
#
_symmetry.space_group_name_H-M   'P 1 21 1'
#
loop_
_entity.id
_entity.type
_entity.pdbx_description
1 polymer 'CLIP-associating protein 1'
2 water water
#
_entity_poly.entity_id   1
_entity_poly.type   'polypeptide(L)'
_entity_poly.pdbx_seq_one_letter_code
;(MSE)EPR(MSE)ESCLAQVLQKDVGKRLQVGQELIDYFSDKQKSADLEHDQT(MSE)LDKLVDGLATSWVNSSNYKVVL
LG(MSE)DILSALVTRLQDRFKAQIGTVLPSLIDRLGDAKDSVREQDQTLLLKI(MSE)DQAANPQYVWDR(MSE)LGGF
KHKNFRTREGICLCLIATLNASGAQTLTLSKIVPHICNLLGDPNSQVRDAAINSLVEIYRHVGERVRADLSKKGLPQSRL
NVIFTKFDEVQKSGN(MSE)IQSANDKNFDDEDSVDGNRPSSASS
;
_entity_poly.pdbx_strand_id   A,B
#
# COMPACT_ATOMS: atom_id res chain seq x y z
N GLU A 2 20.05 13.22 24.55
CA GLU A 2 19.60 12.61 25.82
C GLU A 2 19.15 11.17 25.55
N PRO A 3 19.41 10.25 26.48
CA PRO A 3 18.89 8.90 26.21
C PRO A 3 17.43 8.74 26.63
N ARG A 4 16.51 9.45 25.98
CA ARG A 4 15.10 9.37 26.34
C ARG A 4 14.24 9.45 25.09
N GLU A 6 11.45 11.11 24.29
CA GLU A 6 11.11 12.45 23.81
C GLU A 6 12.32 13.13 23.15
N SER A 7 13.49 12.90 23.70
CA SER A 7 14.71 13.39 23.08
C SER A 7 14.95 12.77 21.68
N CYS A 8 14.90 11.45 21.61
CA CYS A 8 15.02 10.77 20.32
C CYS A 8 13.94 11.15 19.32
N LEU A 9 12.69 11.19 19.77
CA LEU A 9 11.62 11.58 18.87
C LEU A 9 11.89 12.94 18.31
N ALA A 10 12.32 13.86 19.17
CA ALA A 10 12.61 15.22 18.73
C ALA A 10 13.70 15.20 17.66
N GLN A 11 14.73 14.38 17.85
CA GLN A 11 15.79 14.33 16.85
C GLN A 11 15.32 13.66 15.56
N VAL A 12 14.28 12.85 15.63
CA VAL A 12 13.72 12.28 14.40
C VAL A 12 12.84 13.32 13.65
N LEU A 13 12.00 14.03 14.40
CA LEU A 13 11.15 15.05 13.81
C LEU A 13 11.91 16.28 13.27
N GLN A 14 12.96 16.74 13.95
CA GLN A 14 13.66 17.96 13.50
C GLN A 14 14.18 17.76 12.07
N LYS A 15 14.19 18.83 11.27
CA LYS A 15 14.41 18.71 9.82
C LYS A 15 15.73 19.32 9.28
N ASP A 16 16.69 19.56 10.16
CA ASP A 16 18.01 20.01 9.75
C ASP A 16 18.78 18.81 9.23
N VAL A 17 19.16 18.82 7.97
CA VAL A 17 19.87 17.70 7.35
C VAL A 17 21.22 17.42 8.03
N GLY A 18 22.01 18.46 8.31
CA GLY A 18 23.28 18.31 9.01
C GLY A 18 23.16 17.63 10.36
N LYS A 19 22.21 18.08 11.17
CA LYS A 19 21.94 17.43 12.45
C LYS A 19 21.47 15.97 12.26
N ARG A 20 20.67 15.71 11.23
CA ARG A 20 20.23 14.34 10.96
C ARG A 20 21.43 13.44 10.66
N LEU A 21 22.33 13.94 9.82
CA LEU A 21 23.55 13.20 9.48
C LEU A 21 24.40 12.98 10.71
N GLN A 22 24.38 13.94 11.64
CA GLN A 22 25.13 13.80 12.89
C GLN A 22 24.55 12.84 13.92
N VAL A 23 23.22 12.74 14.03
CA VAL A 23 22.68 11.93 15.12
C VAL A 23 22.02 10.65 14.68
N GLY A 24 22.00 10.37 13.37
CA GLY A 24 21.41 9.14 12.91
C GLY A 24 22.03 7.96 13.63
N GLN A 25 23.35 7.94 13.64
CA GLN A 25 24.08 6.84 14.25
C GLN A 25 23.84 6.76 15.79
N GLU A 26 23.69 7.93 16.44
CA GLU A 26 23.31 7.96 17.85
C GLU A 26 21.92 7.36 18.09
N LEU A 27 20.97 7.62 17.19
CA LEU A 27 19.63 7.04 17.27
C LEU A 27 19.71 5.53 17.16
N ILE A 28 20.54 5.06 16.23
CA ILE A 28 20.79 3.61 16.09
C ILE A 28 21.33 3.02 17.39
N ASP A 29 22.36 3.65 17.96
CA ASP A 29 22.91 3.16 19.22
C ASP A 29 21.82 3.12 20.30
N TYR A 30 20.99 4.16 20.38
CA TYR A 30 19.93 4.18 21.36
C TYR A 30 19.02 2.97 21.22
N PHE A 31 18.57 2.69 20.00
CA PHE A 31 17.59 1.62 19.85
C PHE A 31 18.22 0.24 20.03
N SER A 32 19.50 0.10 19.69
CA SER A 32 20.18 -1.18 19.82
C SER A 32 20.75 -1.41 21.24
N ASP A 33 20.55 -0.46 22.15
CA ASP A 33 20.98 -0.58 23.55
C ASP A 33 19.73 -0.79 24.43
N LYS A 34 19.59 -1.99 24.98
CA LYS A 34 18.42 -2.29 25.80
C LYS A 34 18.34 -1.47 27.09
N GLN A 35 19.48 -1.03 27.63
CA GLN A 35 19.44 -0.22 28.84
C GLN A 35 19.07 1.23 28.55
N LYS A 36 19.72 1.82 27.55
CA LYS A 36 19.45 3.21 27.23
C LYS A 36 18.01 3.39 26.76
N SER A 37 17.46 2.41 26.05
CA SER A 37 16.12 2.50 25.47
C SER A 37 15.13 1.52 26.09
N ALA A 38 15.29 1.27 27.39
CA ALA A 38 14.45 0.30 28.06
C ALA A 38 12.98 0.76 28.06
N ASP A 39 12.79 2.07 27.93
CA ASP A 39 11.46 2.67 27.87
C ASP A 39 10.82 2.67 26.48
N LEU A 40 11.39 1.91 25.55
CA LEU A 40 11.03 2.04 24.15
C LEU A 40 9.55 1.86 23.85
N GLU A 41 8.94 0.85 24.43
CA GLU A 41 7.54 0.57 24.11
C GLU A 41 6.60 0.94 25.24
N HIS A 42 7.03 1.87 26.09
CA HIS A 42 6.21 2.35 27.20
C HIS A 42 5.09 3.23 26.64
N ASP A 43 5.47 4.16 25.78
CA ASP A 43 4.50 5.03 25.14
C ASP A 43 4.38 4.62 23.68
N GLN A 44 3.36 3.82 23.39
CA GLN A 44 3.11 3.31 22.04
C GLN A 44 2.80 4.45 21.09
N THR A 45 2.23 5.52 21.62
CA THR A 45 1.90 6.69 20.82
C THR A 45 3.17 7.35 20.27
N LEU A 47 6.17 5.95 20.19
CA LEU A 47 6.84 4.96 19.34
C LEU A 47 6.30 5.00 17.91
N ASP A 48 4.97 5.01 17.80
CA ASP A 48 4.27 5.14 16.53
C ASP A 48 4.73 6.42 15.84
N LYS A 49 4.72 7.53 16.57
CA LYS A 49 5.19 8.81 16.02
C LYS A 49 6.64 8.77 15.53
N LEU A 50 7.48 8.03 16.24
CA LEU A 50 8.87 7.99 15.81
C LEU A 50 9.05 7.19 14.50
N VAL A 51 8.44 6.01 14.43
CA VAL A 51 8.50 5.23 13.20
C VAL A 51 7.95 6.05 12.06
N ASP A 52 6.85 6.71 12.35
CA ASP A 52 6.16 7.51 11.35
C ASP A 52 7.03 8.65 10.85
N GLY A 53 7.77 9.27 11.77
CA GLY A 53 8.67 10.34 11.40
C GLY A 53 9.81 9.85 10.53
N LEU A 54 10.34 8.67 10.83
CA LEU A 54 11.36 8.07 9.97
C LEU A 54 10.80 7.80 8.56
N ALA A 55 9.62 7.19 8.49
CA ALA A 55 9.05 6.79 7.21
C ALA A 55 8.65 7.98 6.36
N THR A 56 7.91 8.91 6.94
CA THR A 56 7.39 10.06 6.21
C THR A 56 8.49 11.08 5.90
N SER A 57 9.40 11.28 6.84
CA SER A 57 10.37 12.38 6.71
C SER A 57 11.76 11.94 6.29
N TRP A 58 12.37 11.00 6.99
CA TRP A 58 13.72 10.55 6.59
C TRP A 58 13.72 9.77 5.25
N VAL A 59 12.88 8.74 5.14
CA VAL A 59 12.83 7.93 3.93
C VAL A 59 12.47 8.78 2.70
N ASN A 60 11.63 9.78 2.90
CA ASN A 60 11.22 10.63 1.80
C ASN A 60 12.13 11.83 1.63
N SER A 61 13.29 11.81 2.26
CA SER A 61 14.17 12.98 2.18
C SER A 61 14.80 13.14 0.79
N SER A 62 15.08 14.38 0.41
CA SER A 62 15.72 14.65 -0.87
C SER A 62 17.23 14.44 -0.79
N ASN A 63 17.74 14.30 0.42
CA ASN A 63 19.16 13.98 0.61
C ASN A 63 19.27 12.47 0.76
N TYR A 64 19.89 11.81 -0.20
CA TYR A 64 19.90 10.35 -0.26
C TYR A 64 20.63 9.75 0.94
N LYS A 65 21.53 10.53 1.53
CA LYS A 65 22.28 10.09 2.70
C LYS A 65 21.36 10.02 3.91
N VAL A 66 20.41 10.94 3.94
CA VAL A 66 19.38 10.92 4.96
C VAL A 66 18.44 9.71 4.74
N VAL A 67 18.07 9.45 3.49
CA VAL A 67 17.29 8.27 3.14
C VAL A 67 17.95 6.97 3.64
N LEU A 68 19.22 6.76 3.29
CA LEU A 68 19.97 5.55 3.71
C LEU A 68 20.09 5.45 5.24
N LEU A 69 20.43 6.57 5.88
CA LEU A 69 20.54 6.58 7.33
C LEU A 69 19.16 6.27 7.97
N GLY A 70 18.10 6.83 7.41
CA GLY A 70 16.77 6.62 7.92
C GLY A 70 16.41 5.14 7.80
N ASP A 72 18.50 2.74 7.85
CA ASP A 72 19.31 2.08 8.87
C ASP A 72 18.72 2.15 10.27
N ILE A 73 18.16 3.31 10.61
CA ILE A 73 17.48 3.47 11.89
C ILE A 73 16.28 2.54 11.97
N LEU A 74 15.52 2.51 10.88
CA LEU A 74 14.40 1.58 10.78
C LEU A 74 14.92 0.18 11.00
N SER A 75 16.07 -0.14 10.41
CA SER A 75 16.63 -1.49 10.50
C SER A 75 16.98 -1.88 11.94
N ALA A 76 17.59 -0.94 12.64
CA ALA A 76 17.84 -1.13 14.08
C ALA A 76 16.53 -1.33 14.84
N LEU A 77 15.48 -0.60 14.45
CA LEU A 77 14.19 -0.79 15.12
C LEU A 77 13.66 -2.18 14.92
N VAL A 78 13.73 -2.68 13.69
CA VAL A 78 13.27 -4.04 13.42
C VAL A 78 14.03 -5.05 14.25
N THR A 79 15.35 -4.96 14.27
CA THR A 79 16.11 -5.85 15.13
C THR A 79 15.71 -5.75 16.61
N ARG A 80 15.52 -4.54 17.12
CA ARG A 80 15.15 -4.38 18.52
C ARG A 80 13.76 -4.97 18.86
N LEU A 81 12.77 -4.65 18.02
CA LEU A 81 11.35 -4.96 18.28
C LEU A 81 10.86 -6.31 17.77
N GLN A 82 11.59 -6.91 16.84
CA GLN A 82 11.20 -8.17 16.23
C GLN A 82 9.75 -8.20 15.75
N ASP A 83 8.99 -9.17 16.24
CA ASP A 83 7.62 -9.33 15.78
C ASP A 83 6.72 -8.17 16.24
N ARG A 84 7.12 -7.41 17.24
CA ARG A 84 6.31 -6.25 17.63
C ARG A 84 6.39 -5.14 16.58
N PHE A 85 7.33 -5.26 15.63
CA PHE A 85 7.42 -4.32 14.53
C PHE A 85 6.29 -4.49 13.50
N LYS A 86 5.68 -5.69 13.53
CA LYS A 86 4.59 -6.04 12.62
C LYS A 86 3.51 -4.96 12.62
N ALA A 87 3.23 -4.41 13.79
CA ALA A 87 2.26 -3.33 13.94
C ALA A 87 2.63 -2.07 13.14
N GLN A 88 3.92 -1.90 12.87
CA GLN A 88 4.48 -0.74 12.17
C GLN A 88 4.64 -0.95 10.68
N ILE A 89 4.58 -2.21 10.25
CA ILE A 89 4.81 -2.47 8.83
C ILE A 89 3.92 -1.62 7.90
N GLY A 90 2.63 -1.51 8.21
CA GLY A 90 1.71 -0.78 7.36
C GLY A 90 2.10 0.68 7.27
N THR A 91 2.59 1.19 8.38
CA THR A 91 2.99 2.57 8.41
C THR A 91 4.21 2.81 7.53
N VAL A 92 5.17 1.89 7.54
CA VAL A 92 6.39 2.16 6.76
C VAL A 92 6.31 1.79 5.27
N LEU A 93 5.46 0.83 4.93
CA LEU A 93 5.51 0.26 3.59
C LEU A 93 5.30 1.24 2.40
N PRO A 94 4.36 2.20 2.50
CA PRO A 94 4.24 3.02 1.30
C PRO A 94 5.53 3.75 0.88
N SER A 95 6.23 4.39 1.81
CA SER A 95 7.47 5.05 1.43
C SER A 95 8.57 4.06 1.00
N LEU A 96 8.63 2.88 1.60
CA LEU A 96 9.62 1.89 1.14
C LEU A 96 9.30 1.40 -0.27
N ILE A 97 8.03 1.16 -0.53
CA ILE A 97 7.61 0.74 -1.87
C ILE A 97 8.01 1.79 -2.87
N ASP A 98 7.75 3.07 -2.56
CA ASP A 98 8.13 4.16 -3.46
C ASP A 98 9.63 4.16 -3.70
N ARG A 99 10.40 4.05 -2.62
CA ARG A 99 11.84 4.13 -2.73
C ARG A 99 12.44 2.91 -3.42
N LEU A 100 11.65 1.88 -3.73
CA LEU A 100 12.17 0.85 -4.65
C LEU A 100 12.49 1.43 -6.03
N GLY A 101 11.91 2.57 -6.36
CA GLY A 101 12.24 3.26 -7.59
C GLY A 101 13.02 4.58 -7.47
N ASP A 102 13.73 4.82 -6.36
CA ASP A 102 14.46 6.11 -6.18
C ASP A 102 15.54 6.34 -7.24
N ALA A 103 15.93 7.60 -7.40
CA ALA A 103 16.92 7.98 -8.39
C ALA A 103 18.22 7.22 -8.13
N LYS A 104 18.56 7.03 -6.85
CA LYS A 104 19.80 6.37 -6.44
C LYS A 104 19.69 4.86 -6.27
N ASP A 105 20.55 4.15 -6.99
CA ASP A 105 20.61 2.69 -6.88
C ASP A 105 20.96 2.22 -5.47
N SER A 106 21.81 2.98 -4.79
CA SER A 106 22.17 2.62 -3.42
C SER A 106 20.91 2.57 -2.54
N VAL A 107 19.99 3.52 -2.76
CA VAL A 107 18.72 3.55 -2.04
C VAL A 107 17.81 2.39 -2.42
N ARG A 108 17.67 2.12 -3.71
CA ARG A 108 16.87 0.97 -4.16
C ARG A 108 17.36 -0.34 -3.48
N GLU A 109 18.69 -0.50 -3.43
CA GLU A 109 19.28 -1.72 -2.87
C GLU A 109 19.14 -1.82 -1.34
N GLN A 110 19.37 -0.73 -0.59
CA GLN A 110 19.18 -0.81 0.87
C GLN A 110 17.72 -0.99 1.24
N ASP A 111 16.88 -0.35 0.47
CA ASP A 111 15.45 -0.52 0.59
C ASP A 111 15.09 -2.02 0.47
N GLN A 112 15.54 -2.68 -0.59
CA GLN A 112 15.30 -4.11 -0.68
C GLN A 112 15.84 -4.85 0.55
N THR A 113 17.08 -4.54 0.96
CA THR A 113 17.69 -5.23 2.12
C THR A 113 16.80 -5.13 3.39
N LEU A 114 16.34 -3.91 3.67
CA LEU A 114 15.41 -3.66 4.77
C LEU A 114 14.11 -4.43 4.62
N LEU A 115 13.51 -4.39 3.43
CA LEU A 115 12.24 -5.09 3.21
C LEU A 115 12.38 -6.57 3.54
N LEU A 116 13.48 -7.18 3.04
CA LEU A 116 13.78 -8.59 3.29
C LEU A 116 13.95 -8.88 4.77
N LYS A 117 14.55 -7.92 5.48
CA LYS A 117 14.75 -8.07 6.92
C LYS A 117 13.43 -8.01 7.69
N ILE A 118 12.53 -7.13 7.26
CA ILE A 118 11.21 -7.05 7.82
C ILE A 118 10.48 -8.38 7.64
N ASP A 120 11.87 -11.12 7.44
CA ASP A 120 12.50 -12.19 8.19
C ASP A 120 12.31 -12.13 9.71
N GLN A 121 12.27 -10.92 10.26
CA GLN A 121 12.28 -10.73 11.72
C GLN A 121 11.01 -10.07 12.27
N ALA A 122 10.23 -9.42 11.43
CA ALA A 122 9.02 -8.75 11.96
C ALA A 122 7.77 -9.55 11.60
N ALA A 123 7.80 -10.22 10.46
CA ALA A 123 6.63 -10.98 10.02
C ALA A 123 7.08 -12.19 9.19
N ASN A 124 6.47 -12.38 8.03
CA ASN A 124 6.90 -13.41 7.11
C ASN A 124 6.78 -12.85 5.69
N PRO A 125 7.39 -13.52 4.69
CA PRO A 125 7.29 -12.97 3.33
C PRO A 125 5.85 -12.68 2.88
N GLN A 126 4.92 -13.58 3.14
CA GLN A 126 3.61 -13.38 2.54
C GLN A 126 2.83 -12.23 3.16
N TYR A 127 2.95 -12.03 4.47
CA TYR A 127 2.32 -10.88 5.14
C TYR A 127 2.76 -9.52 4.54
N VAL A 128 4.04 -9.40 4.26
CA VAL A 128 4.59 -8.18 3.67
C VAL A 128 4.15 -8.06 2.20
N TRP A 129 4.19 -9.18 1.45
CA TRP A 129 3.87 -9.09 0.03
C TRP A 129 2.37 -8.82 -0.23
N ASP A 130 1.50 -9.28 0.65
CA ASP A 130 0.07 -8.94 0.56
C ASP A 130 -0.06 -7.43 0.53
N ARG A 131 0.84 -6.74 1.23
CA ARG A 131 0.71 -5.29 1.40
C ARG A 131 1.56 -4.49 0.39
N LEU A 133 1.52 -5.24 -3.10
CA LEU A 133 1.05 -5.45 -4.45
C LEU A 133 0.73 -4.12 -5.15
N GLY A 134 0.44 -3.08 -4.35
CA GLY A 134 0.17 -1.77 -4.90
C GLY A 134 1.33 -1.26 -5.74
N GLY A 135 2.54 -1.62 -5.34
CA GLY A 135 3.75 -1.25 -6.05
C GLY A 135 3.77 -1.66 -7.50
N PHE A 136 3.03 -2.72 -7.83
CA PHE A 136 2.95 -3.10 -9.23
C PHE A 136 2.30 -2.04 -10.12
N LYS A 137 1.52 -1.13 -9.55
CA LYS A 137 0.81 -0.18 -10.39
C LYS A 137 1.34 1.23 -10.20
N HIS A 138 2.48 1.32 -9.53
CA HIS A 138 3.11 2.60 -9.24
C HIS A 138 3.50 3.25 -10.58
N LYS A 139 3.31 4.56 -10.70
CA LYS A 139 3.57 5.28 -11.97
C LYS A 139 5.09 5.39 -12.38
N ASN A 140 5.98 5.26 -11.41
CA ASN A 140 7.42 5.30 -11.66
C ASN A 140 7.89 3.91 -12.14
N PHE A 141 8.37 3.81 -13.38
CA PHE A 141 8.79 2.51 -13.94
C PHE A 141 9.87 1.89 -13.06
N ARG A 142 10.70 2.70 -12.41
CA ARG A 142 11.77 2.14 -11.58
C ARG A 142 11.24 1.43 -10.34
N THR A 143 10.06 1.83 -9.88
CA THR A 143 9.38 1.17 -8.78
C THR A 143 8.76 -0.20 -9.23
N ARG A 144 8.17 -0.24 -10.43
CA ARG A 144 7.60 -1.49 -10.95
C ARG A 144 8.72 -2.54 -11.18
N GLU A 145 9.80 -2.06 -11.82
CA GLU A 145 11.00 -2.88 -11.96
C GLU A 145 11.49 -3.37 -10.57
N GLY A 146 11.59 -2.43 -9.63
CA GLY A 146 12.03 -2.75 -8.29
C GLY A 146 11.20 -3.81 -7.60
N ILE A 147 9.90 -3.78 -7.83
CA ILE A 147 9.02 -4.76 -7.22
C ILE A 147 9.39 -6.13 -7.77
N CYS A 148 9.53 -6.24 -9.09
CA CYS A 148 9.87 -7.54 -9.68
C CYS A 148 11.21 -8.11 -9.15
N LEU A 149 12.24 -7.24 -9.10
CA LEU A 149 13.55 -7.60 -8.54
C LEU A 149 13.45 -8.04 -7.10
N CYS A 150 12.58 -7.37 -6.37
CA CYS A 150 12.48 -7.62 -4.95
C CYS A 150 11.79 -8.94 -4.74
N LEU A 151 10.92 -9.29 -5.68
CA LEU A 151 10.30 -10.61 -5.65
C LEU A 151 11.32 -11.71 -5.94
N ILE A 152 12.16 -11.52 -6.95
CA ILE A 152 13.28 -12.45 -7.19
C ILE A 152 14.12 -12.65 -5.92
N ALA A 153 14.54 -11.53 -5.34
CA ALA A 153 15.36 -11.55 -4.13
C ALA A 153 14.65 -12.31 -3.01
N THR A 154 13.34 -12.11 -2.91
CA THR A 154 12.52 -12.84 -1.93
C THR A 154 12.52 -14.36 -2.18
N LEU A 155 12.41 -14.78 -3.43
CA LEU A 155 12.41 -16.21 -3.73
C LEU A 155 13.71 -16.83 -3.25
N ASN A 156 14.81 -16.14 -3.55
CA ASN A 156 16.11 -16.64 -3.12
C ASN A 156 16.34 -16.56 -1.61
N ALA A 157 15.76 -15.58 -0.95
CA ALA A 157 15.95 -15.46 0.48
C ALA A 157 15.13 -16.53 1.21
N SER A 158 13.89 -16.69 0.82
CA SER A 158 12.96 -17.47 1.63
C SER A 158 12.38 -18.70 0.92
N GLY A 159 12.48 -18.74 -0.39
CA GLY A 159 11.94 -19.87 -1.15
C GLY A 159 10.47 -19.73 -1.51
N ALA A 160 10.03 -20.45 -2.55
CA ALA A 160 8.69 -20.26 -3.09
C ALA A 160 7.60 -20.74 -2.13
N GLN A 161 7.97 -21.67 -1.24
CA GLN A 161 7.06 -22.20 -0.22
C GLN A 161 6.45 -21.12 0.69
N THR A 162 7.15 -20.01 0.88
CA THR A 162 6.68 -18.94 1.75
C THR A 162 5.79 -17.88 1.04
N LEU A 163 5.63 -18.00 -0.28
CA LEU A 163 4.79 -17.06 -1.02
C LEU A 163 3.59 -17.75 -1.65
N THR A 164 2.44 -17.06 -1.62
CA THR A 164 1.28 -17.48 -2.39
C THR A 164 1.47 -16.90 -3.79
N LEU A 165 2.25 -17.59 -4.60
CA LEU A 165 2.66 -17.05 -5.88
C LEU A 165 1.49 -16.80 -6.84
N SER A 166 0.44 -17.61 -6.68
CA SER A 166 -0.73 -17.54 -7.54
C SER A 166 -1.41 -16.19 -7.42
N LYS A 167 -1.13 -15.52 -6.30
CA LYS A 167 -1.61 -14.16 -6.04
C LYS A 167 -0.74 -13.11 -6.72
N ILE A 168 0.53 -13.41 -6.91
CA ILE A 168 1.48 -12.38 -7.34
C ILE A 168 1.70 -12.41 -8.86
N VAL A 169 1.78 -13.62 -9.44
CA VAL A 169 1.94 -13.83 -10.88
C VAL A 169 1.02 -12.97 -11.79
N PRO A 170 -0.30 -12.85 -11.48
CA PRO A 170 -1.16 -12.00 -12.35
C PRO A 170 -0.63 -10.55 -12.50
N HIS A 171 -0.10 -10.01 -11.40
CA HIS A 171 0.50 -8.69 -11.45
C HIS A 171 1.71 -8.62 -12.37
N ILE A 172 2.60 -9.60 -12.26
CA ILE A 172 3.76 -9.64 -13.15
C ILE A 172 3.33 -9.73 -14.61
N CYS A 173 2.29 -10.53 -14.83
CA CYS A 173 1.74 -10.72 -16.17
C CYS A 173 1.29 -9.40 -16.71
N ASN A 174 0.62 -8.61 -15.87
CA ASN A 174 0.25 -7.27 -16.27
C ASN A 174 1.46 -6.47 -16.68
N LEU A 175 2.57 -6.72 -15.99
CA LEU A 175 3.77 -5.97 -16.33
C LEU A 175 4.40 -6.41 -17.64
N LEU A 176 4.04 -7.59 -18.14
CA LEU A 176 4.62 -8.02 -19.42
C LEU A 176 4.36 -7.03 -20.58
N GLY A 177 3.24 -6.33 -20.54
CA GLY A 177 2.95 -5.33 -21.55
C GLY A 177 3.21 -3.91 -21.09
N ASP A 178 4.19 -3.73 -20.22
CA ASP A 178 4.52 -2.39 -19.68
C ASP A 178 5.05 -1.44 -20.75
N PRO A 179 4.74 -0.14 -20.62
CA PRO A 179 5.37 0.78 -21.57
C PRO A 179 6.89 0.75 -21.55
N ASN A 180 7.48 0.36 -20.42
CA ASN A 180 8.92 0.46 -20.29
C ASN A 180 9.63 -0.87 -20.42
N SER A 181 10.60 -0.91 -21.31
CA SER A 181 11.30 -2.15 -21.66
C SER A 181 12.04 -2.78 -20.51
N GLN A 182 12.58 -1.97 -19.61
CA GLN A 182 13.25 -2.47 -18.44
C GLN A 182 12.29 -3.19 -17.48
N VAL A 183 11.09 -2.62 -17.35
CA VAL A 183 10.02 -3.21 -16.55
C VAL A 183 9.61 -4.52 -17.18
N ARG A 184 9.47 -4.52 -18.50
CA ARG A 184 9.12 -5.74 -19.24
C ARG A 184 10.19 -6.86 -19.07
N ASP A 185 11.47 -6.50 -19.19
CA ASP A 185 12.57 -7.44 -18.94
C ASP A 185 12.54 -7.99 -17.53
N ALA A 186 12.41 -7.08 -16.55
CA ALA A 186 12.35 -7.46 -15.15
C ALA A 186 11.20 -8.42 -14.88
N ALA A 187 10.06 -8.21 -15.53
CA ALA A 187 8.87 -9.06 -15.33
C ALA A 187 9.10 -10.44 -15.94
N ILE A 188 9.63 -10.45 -17.16
CA ILE A 188 9.92 -11.72 -17.80
C ILE A 188 10.92 -12.51 -16.92
N ASN A 189 11.97 -11.83 -16.47
CA ASN A 189 12.95 -12.34 -15.50
C ASN A 189 12.35 -12.93 -14.25
N SER A 190 11.36 -12.22 -13.70
CA SER A 190 10.66 -12.69 -12.53
C SER A 190 9.97 -14.01 -12.81
N LEU A 191 9.32 -14.10 -13.97
CA LEU A 191 8.60 -15.31 -14.33
C LEU A 191 9.61 -16.46 -14.51
N VAL A 192 10.77 -16.16 -15.11
CA VAL A 192 11.80 -17.17 -15.27
C VAL A 192 12.29 -17.66 -13.91
N GLU A 193 12.45 -16.73 -12.97
CA GLU A 193 12.91 -17.16 -11.67
C GLU A 193 11.89 -18.02 -10.95
N ILE A 194 10.63 -17.57 -10.99
CA ILE A 194 9.54 -18.37 -10.45
C ILE A 194 9.57 -19.79 -11.05
N TYR A 195 9.72 -19.89 -12.35
CA TYR A 195 9.77 -21.20 -12.98
C TYR A 195 10.92 -22.03 -12.41
N ARG A 196 12.10 -21.40 -12.25
CA ARG A 196 13.24 -22.10 -11.66
C ARG A 196 12.91 -22.68 -10.29
N HIS A 197 12.12 -21.94 -9.51
CA HIS A 197 11.84 -22.42 -8.16
C HIS A 197 10.65 -23.37 -8.09
N VAL A 198 9.79 -23.33 -9.11
CA VAL A 198 8.46 -23.94 -9.00
C VAL A 198 8.19 -24.98 -10.10
N GLY A 199 8.72 -24.72 -11.29
CA GLY A 199 8.59 -25.67 -12.38
C GLY A 199 7.34 -25.50 -13.22
N GLU A 200 6.95 -26.59 -13.86
CA GLU A 200 5.93 -26.59 -14.90
C GLU A 200 4.56 -25.99 -14.52
N ARG A 201 4.20 -26.04 -13.24
CA ARG A 201 2.97 -25.42 -12.76
C ARG A 201 2.79 -23.98 -13.25
N VAL A 202 3.87 -23.21 -13.23
CA VAL A 202 3.82 -21.83 -13.70
C VAL A 202 3.49 -21.75 -15.18
N ARG A 203 4.02 -22.69 -15.95
CA ARG A 203 3.74 -22.72 -17.37
C ARG A 203 2.24 -22.95 -17.56
N ALA A 204 1.67 -23.87 -16.77
CA ALA A 204 0.22 -24.09 -16.84
C ALA A 204 -0.61 -22.81 -16.47
N ASP A 205 -0.32 -22.25 -15.30
CA ASP A 205 -0.93 -20.99 -14.86
C ASP A 205 -0.88 -19.93 -15.96
N LEU A 206 0.31 -19.70 -16.51
CA LEU A 206 0.51 -18.70 -17.55
C LEU A 206 -0.30 -18.97 -18.81
N SER A 207 -0.37 -20.24 -19.20
CA SER A 207 -1.08 -20.62 -20.43
C SER A 207 -2.56 -20.34 -20.29
N LYS A 208 -3.07 -20.41 -19.06
CA LYS A 208 -4.49 -20.17 -18.86
C LYS A 208 -4.87 -18.70 -18.61
N LYS A 209 -4.00 -17.75 -18.96
CA LYS A 209 -4.23 -16.34 -18.61
C LYS A 209 -4.48 -15.39 -19.78
N GLY A 210 -4.70 -15.94 -20.97
CA GLY A 210 -4.98 -15.14 -22.16
C GLY A 210 -3.99 -14.04 -22.48
N LEU A 211 -2.72 -14.39 -22.41
CA LEU A 211 -1.64 -13.52 -22.83
C LEU A 211 -1.56 -13.61 -24.34
N PRO A 212 -1.03 -12.59 -25.01
CA PRO A 212 -0.86 -12.80 -26.45
C PRO A 212 0.13 -13.93 -26.68
N GLN A 213 0.10 -14.55 -27.86
CA GLN A 213 0.95 -15.71 -28.07
C GLN A 213 2.40 -15.32 -28.26
N SER A 214 2.62 -14.08 -28.67
CA SER A 214 3.97 -13.56 -28.81
C SER A 214 4.67 -13.61 -27.44
N ARG A 215 3.92 -13.21 -26.42
CA ARG A 215 4.43 -13.10 -25.08
C ARG A 215 4.71 -14.49 -24.50
N LEU A 216 3.69 -15.34 -24.60
CA LEU A 216 3.82 -16.74 -24.21
C LEU A 216 5.03 -17.38 -24.86
N ASN A 217 5.26 -17.07 -26.13
CA ASN A 217 6.36 -17.65 -26.87
C ASN A 217 7.70 -17.25 -26.25
N VAL A 218 7.88 -15.95 -26.03
CA VAL A 218 9.14 -15.47 -25.42
C VAL A 218 9.41 -16.15 -24.06
N ILE A 219 8.38 -16.16 -23.22
CA ILE A 219 8.57 -16.68 -21.89
C ILE A 219 8.84 -18.19 -21.86
N PHE A 220 7.99 -18.94 -22.56
CA PHE A 220 8.09 -20.40 -22.61
C PHE A 220 9.42 -20.83 -23.20
N THR A 221 9.91 -20.10 -24.20
CA THR A 221 11.23 -20.39 -24.76
C THR A 221 12.26 -20.25 -23.66
N LYS A 222 12.15 -19.19 -22.86
CA LYS A 222 13.10 -19.04 -21.76
C LYS A 222 13.01 -20.15 -20.71
N PHE A 223 11.80 -20.60 -20.40
CA PHE A 223 11.61 -21.76 -19.54
C PHE A 223 12.38 -22.96 -20.09
N ASP A 224 12.23 -23.17 -21.40
CA ASP A 224 12.89 -24.29 -22.06
C ASP A 224 14.40 -24.18 -21.91
N GLU A 225 14.94 -22.98 -22.10
CA GLU A 225 16.37 -22.73 -21.89
C GLU A 225 16.84 -23.10 -20.49
N VAL A 226 16.05 -22.72 -19.49
CA VAL A 226 16.35 -23.08 -18.11
C VAL A 226 16.44 -24.60 -17.96
N GLN A 227 15.45 -25.32 -18.48
CA GLN A 227 15.51 -26.80 -18.50
C GLN A 227 16.80 -27.33 -19.13
N LYS A 228 17.11 -26.82 -20.32
CA LYS A 228 18.30 -27.23 -21.05
C LYS A 228 19.57 -27.14 -20.21
N SER A 229 19.65 -26.11 -19.38
CA SER A 229 20.85 -25.83 -18.61
C SER A 229 20.86 -26.52 -17.26
N GLY A 230 19.81 -27.28 -16.97
CA GLY A 230 19.73 -27.94 -15.67
C GLY A 230 19.76 -26.93 -14.56
N ASN A 231 19.27 -25.72 -14.84
CA ASN A 231 19.34 -24.61 -13.89
C ASN A 231 18.19 -24.57 -12.90
N ILE A 233 15.99 -25.09 -9.59
CA ILE A 233 16.35 -24.96 -8.18
C ILE A 233 15.53 -25.92 -7.33
N GLN A 234 14.26 -25.55 -7.15
CA GLN A 234 13.21 -26.40 -6.56
C GLN A 234 13.27 -26.42 -5.04
N GLU B 2 -25.06 -24.59 1.96
CA GLU B 2 -25.31 -24.66 3.43
C GLU B 2 -24.45 -23.70 4.26
N PRO B 3 -24.98 -23.31 5.43
CA PRO B 3 -24.37 -22.36 6.36
C PRO B 3 -23.21 -22.87 7.24
N ARG B 4 -22.04 -23.08 6.65
CA ARG B 4 -20.84 -23.46 7.42
C ARG B 4 -19.65 -22.71 6.84
N GLU B 6 -16.47 -23.37 6.27
CA GLU B 6 -15.64 -24.03 5.28
C GLU B 6 -16.35 -24.09 3.91
N SER B 7 -17.66 -24.27 3.96
CA SER B 7 -18.51 -24.28 2.77
C SER B 7 -18.50 -22.93 2.04
N CYS B 8 -18.73 -21.85 2.79
CA CYS B 8 -18.67 -20.48 2.26
C CYS B 8 -17.29 -20.14 1.71
N LEU B 9 -16.26 -20.53 2.45
CA LEU B 9 -14.89 -20.29 2.02
C LEU B 9 -14.68 -20.95 0.68
N ALA B 10 -15.16 -22.19 0.57
CA ALA B 10 -15.03 -22.91 -0.68
C ALA B 10 -15.75 -22.14 -1.80
N GLN B 11 -16.91 -21.57 -1.47
CA GLN B 11 -17.66 -20.85 -2.51
C GLN B 11 -17.01 -19.51 -2.89
N VAL B 12 -16.20 -18.94 -1.99
CA VAL B 12 -15.43 -17.74 -2.32
C VAL B 12 -14.21 -18.07 -3.17
N LEU B 13 -13.50 -19.13 -2.80
CA LEU B 13 -12.27 -19.53 -3.50
C LEU B 13 -12.48 -20.05 -4.91
N GLN B 14 -13.52 -20.87 -5.12
CA GLN B 14 -13.76 -21.44 -6.44
C GLN B 14 -13.89 -20.31 -7.47
N LYS B 15 -13.46 -20.56 -8.70
CA LYS B 15 -13.35 -19.47 -9.68
C LYS B 15 -14.37 -19.49 -10.84
N ASP B 16 -15.47 -20.21 -10.67
CA ASP B 16 -16.53 -20.21 -11.67
C ASP B 16 -17.31 -18.88 -11.58
N VAL B 17 -17.26 -18.06 -12.61
CA VAL B 17 -17.95 -16.77 -12.58
C VAL B 17 -19.45 -16.95 -12.44
N GLY B 18 -20.01 -17.89 -13.21
CA GLY B 18 -21.43 -18.17 -13.12
C GLY B 18 -21.84 -18.52 -11.70
N LYS B 19 -21.13 -19.47 -11.10
CA LYS B 19 -21.44 -19.86 -9.74
C LYS B 19 -21.29 -18.69 -8.74
N ARG B 20 -20.26 -17.88 -8.94
CA ARG B 20 -20.04 -16.73 -8.06
C ARG B 20 -21.24 -15.80 -8.12
N LEU B 21 -21.70 -15.51 -9.33
CA LEU B 21 -22.89 -14.67 -9.51
C LEU B 21 -24.12 -15.32 -8.90
N GLN B 22 -24.19 -16.65 -8.91
CA GLN B 22 -25.31 -17.36 -8.29
C GLN B 22 -25.31 -17.43 -6.75
N VAL B 23 -24.16 -17.45 -6.09
CA VAL B 23 -24.13 -17.58 -4.62
C VAL B 23 -23.66 -16.29 -3.91
N GLY B 24 -23.33 -15.26 -4.67
CA GLY B 24 -22.87 -14.02 -4.08
C GLY B 24 -23.81 -13.44 -3.02
N GLN B 25 -25.08 -13.30 -3.40
CA GLN B 25 -26.04 -12.73 -2.47
C GLN B 25 -26.23 -13.69 -1.30
N GLU B 26 -26.16 -15.00 -1.56
CA GLU B 26 -26.25 -15.99 -0.48
C GLU B 26 -25.14 -15.77 0.55
N LEU B 27 -23.93 -15.45 0.10
CA LEU B 27 -22.83 -15.16 1.01
C LEU B 27 -23.14 -13.91 1.79
N ILE B 28 -23.66 -12.91 1.07
CA ILE B 28 -23.99 -11.66 1.74
C ILE B 28 -24.99 -11.91 2.87
N ASP B 29 -26.08 -12.62 2.57
CA ASP B 29 -27.14 -12.94 3.51
C ASP B 29 -26.61 -13.74 4.70
N TYR B 30 -25.79 -14.75 4.40
CA TYR B 30 -25.22 -15.61 5.43
C TYR B 30 -24.40 -14.78 6.41
N PHE B 31 -23.52 -13.94 5.88
CA PHE B 31 -22.64 -13.18 6.75
C PHE B 31 -23.32 -12.01 7.45
N SER B 32 -24.33 -11.41 6.84
CA SER B 32 -24.96 -10.25 7.46
C SER B 32 -25.97 -10.69 8.52
N ASP B 33 -26.13 -12.00 8.66
CA ASP B 33 -27.05 -12.53 9.65
C ASP B 33 -26.29 -13.23 10.78
N LYS B 34 -26.23 -12.57 11.95
CA LYS B 34 -25.49 -13.09 13.10
C LYS B 34 -26.00 -14.46 13.56
N GLN B 35 -27.22 -14.78 13.18
CA GLN B 35 -27.84 -16.04 13.58
C GLN B 35 -27.23 -17.19 12.78
N LYS B 36 -27.23 -16.99 11.46
CA LYS B 36 -26.75 -17.99 10.53
C LYS B 36 -25.24 -18.20 10.59
N SER B 37 -24.49 -17.11 10.79
CA SER B 37 -23.04 -17.16 10.75
C SER B 37 -22.38 -16.84 12.07
N ALA B 38 -22.94 -17.33 13.17
CA ALA B 38 -22.39 -17.03 14.49
C ALA B 38 -20.95 -17.57 14.67
N ASP B 39 -20.56 -18.54 13.85
CA ASP B 39 -19.24 -19.17 13.92
C ASP B 39 -18.12 -18.39 13.23
N LEU B 40 -18.39 -17.14 12.89
CA LEU B 40 -17.55 -16.37 11.99
C LEU B 40 -16.07 -16.23 12.40
N GLU B 41 -15.78 -15.91 13.65
CA GLU B 41 -14.38 -15.66 14.04
C GLU B 41 -13.78 -16.80 14.86
N HIS B 42 -14.32 -18.00 14.68
CA HIS B 42 -13.83 -19.14 15.41
C HIS B 42 -12.46 -19.59 14.93
N ASP B 43 -12.34 -19.72 13.61
CA ASP B 43 -11.09 -20.09 12.99
C ASP B 43 -10.56 -18.86 12.24
N GLN B 44 -9.57 -18.18 12.81
CA GLN B 44 -9.06 -16.97 12.18
C GLN B 44 -8.37 -17.21 10.84
N THR B 45 -7.71 -18.35 10.66
CA THR B 45 -7.00 -18.57 9.40
C THR B 45 -7.96 -18.74 8.23
N LEU B 47 -11.08 -17.34 8.10
CA LEU B 47 -11.50 -15.95 7.89
C LEU B 47 -10.50 -15.11 7.09
N ASP B 48 -9.23 -15.20 7.45
CA ASP B 48 -8.17 -14.52 6.71
C ASP B 48 -8.19 -14.95 5.27
N LYS B 49 -8.21 -16.27 5.05
CA LYS B 49 -8.27 -16.81 3.70
C LYS B 49 -9.48 -16.32 2.91
N LEU B 50 -10.62 -16.16 3.60
CA LEU B 50 -11.85 -15.72 2.93
C LEU B 50 -11.77 -14.24 2.54
N VAL B 51 -11.30 -13.40 3.47
CA VAL B 51 -11.13 -11.99 3.12
C VAL B 51 -10.14 -11.89 1.96
N ASP B 52 -9.08 -12.68 2.03
CA ASP B 52 -8.07 -12.69 0.98
C ASP B 52 -8.62 -13.12 -0.38
N GLY B 53 -9.51 -14.13 -0.36
CA GLY B 53 -10.15 -14.58 -1.58
C GLY B 53 -11.09 -13.51 -2.17
N LEU B 54 -11.81 -12.82 -1.29
CA LEU B 54 -12.65 -11.70 -1.74
C LEU B 54 -11.82 -10.56 -2.37
N ALA B 55 -10.75 -10.14 -1.69
CA ALA B 55 -9.94 -9.03 -2.19
C ALA B 55 -9.17 -9.40 -3.47
N THR B 56 -8.48 -10.53 -3.44
CA THR B 56 -7.59 -10.92 -4.54
C THR B 56 -8.31 -11.40 -5.80
N SER B 57 -9.41 -12.12 -5.62
CA SER B 57 -10.10 -12.71 -6.77
C SER B 57 -11.41 -11.98 -7.13
N TRP B 58 -12.31 -11.82 -6.16
CA TRP B 58 -13.60 -11.15 -6.45
C TRP B 58 -13.42 -9.66 -6.80
N VAL B 59 -12.79 -8.87 -5.92
CA VAL B 59 -12.55 -7.43 -6.15
C VAL B 59 -11.75 -7.18 -7.43
N ASN B 60 -10.84 -8.11 -7.73
CA ASN B 60 -10.02 -8.04 -8.94
C ASN B 60 -10.59 -8.76 -10.14
N SER B 61 -11.85 -9.15 -10.09
CA SER B 61 -12.42 -9.91 -11.21
C SER B 61 -12.61 -9.08 -12.46
N SER B 62 -12.59 -9.74 -13.61
CA SER B 62 -12.83 -9.09 -14.91
C SER B 62 -14.31 -8.84 -15.18
N ASN B 63 -15.16 -9.46 -14.36
CA ASN B 63 -16.60 -9.25 -14.39
C ASN B 63 -17.05 -8.25 -13.31
N TYR B 64 -17.52 -7.08 -13.70
CA TYR B 64 -17.72 -6.03 -12.70
C TYR B 64 -18.78 -6.37 -11.65
N LYS B 65 -19.70 -7.27 -11.96
CA LYS B 65 -20.73 -7.63 -10.97
C LYS B 65 -20.16 -8.47 -9.84
N VAL B 66 -19.12 -9.24 -10.18
CA VAL B 66 -18.37 -10.00 -9.20
C VAL B 66 -17.58 -9.04 -8.32
N VAL B 67 -16.99 -8.02 -8.92
CA VAL B 67 -16.35 -6.94 -8.13
C VAL B 67 -17.33 -6.37 -7.10
N LEU B 68 -18.50 -5.96 -7.59
CA LEU B 68 -19.53 -5.36 -6.72
C LEU B 68 -19.97 -6.32 -5.62
N LEU B 69 -20.14 -7.58 -5.98
CA LEU B 69 -20.53 -8.58 -5.01
C LEU B 69 -19.46 -8.76 -3.92
N GLY B 70 -18.21 -8.76 -4.36
CA GLY B 70 -17.09 -8.95 -3.46
C GLY B 70 -17.04 -7.82 -2.47
N ASP B 72 -19.62 -5.90 -1.58
CA ASP B 72 -20.75 -6.01 -0.65
C ASP B 72 -20.48 -7.00 0.47
N ILE B 73 -19.87 -8.13 0.11
CA ILE B 73 -19.55 -9.15 1.10
C ILE B 73 -18.52 -8.63 2.10
N LEU B 74 -17.51 -7.95 1.58
CA LEU B 74 -16.56 -7.28 2.46
C LEU B 74 -17.27 -6.32 3.40
N SER B 75 -18.24 -5.58 2.86
CA SER B 75 -18.92 -4.57 3.66
C SER B 75 -19.69 -5.23 4.79
N ALA B 76 -20.38 -6.32 4.47
CA ALA B 76 -21.03 -7.12 5.49
C ALA B 76 -20.02 -7.61 6.55
N LEU B 77 -18.86 -8.06 6.09
CA LEU B 77 -17.83 -8.53 7.00
C LEU B 77 -17.37 -7.39 7.94
N VAL B 78 -17.14 -6.21 7.40
CA VAL B 78 -16.76 -5.05 8.19
C VAL B 78 -17.81 -4.73 9.26
N THR B 79 -19.08 -4.69 8.88
CA THR B 79 -20.13 -4.52 9.89
C THR B 79 -20.10 -5.59 10.98
N ARG B 80 -19.92 -6.86 10.59
CA ARG B 80 -19.88 -7.94 11.60
C ARG B 80 -18.67 -7.85 12.52
N LEU B 81 -17.51 -7.60 11.93
CA LEU B 81 -16.22 -7.73 12.60
C LEU B 81 -15.73 -6.48 13.32
N GLN B 82 -16.25 -5.31 12.95
CA GLN B 82 -15.86 -4.02 13.56
C GLN B 82 -14.32 -3.89 13.69
N ASP B 83 -13.87 -3.72 14.93
CA ASP B 83 -12.44 -3.48 15.21
C ASP B 83 -11.58 -4.67 14.84
N ARG B 84 -12.17 -5.85 14.83
CA ARG B 84 -11.39 -7.02 14.43
C ARG B 84 -11.10 -7.07 12.93
N PHE B 85 -11.79 -6.22 12.16
CA PHE B 85 -11.49 -6.14 10.74
C PHE B 85 -10.17 -5.40 10.51
N LYS B 86 -9.69 -4.69 11.52
CA LYS B 86 -8.42 -3.98 11.44
C LYS B 86 -7.29 -4.86 10.91
N ALA B 87 -7.29 -6.12 11.35
CA ALA B 87 -6.34 -7.12 10.89
C ALA B 87 -6.38 -7.43 9.37
N GLN B 88 -7.53 -7.17 8.74
CA GLN B 88 -7.73 -7.51 7.33
C GLN B 88 -7.41 -6.37 6.40
N ILE B 89 -7.35 -5.15 6.95
CA ILE B 89 -7.22 -3.92 6.17
C ILE B 89 -6.05 -3.94 5.17
N GLY B 90 -4.89 -4.40 5.62
CA GLY B 90 -3.73 -4.42 4.76
C GLY B 90 -3.93 -5.30 3.54
N THR B 91 -4.62 -6.42 3.73
CA THR B 91 -4.86 -7.36 2.64
C THR B 91 -5.82 -6.79 1.60
N VAL B 92 -6.84 -6.07 2.05
CA VAL B 92 -7.84 -5.56 1.12
C VAL B 92 -7.43 -4.25 0.44
N LEU B 93 -6.62 -3.44 1.09
CA LEU B 93 -6.35 -2.09 0.58
C LEU B 93 -5.74 -2.00 -0.82
N PRO B 94 -4.80 -2.89 -1.20
CA PRO B 94 -4.28 -2.71 -2.57
C PRO B 94 -5.36 -2.83 -3.68
N SER B 95 -6.25 -3.83 -3.59
CA SER B 95 -7.29 -3.97 -4.61
C SER B 95 -8.36 -2.85 -4.53
N LEU B 96 -8.67 -2.39 -3.32
CA LEU B 96 -9.62 -1.27 -3.21
C LEU B 96 -9.02 0.03 -3.77
N ILE B 97 -7.77 0.30 -3.43
CA ILE B 97 -7.09 1.47 -3.92
C ILE B 97 -7.12 1.43 -5.43
N ASP B 98 -6.77 0.27 -6.00
CA ASP B 98 -6.80 0.13 -7.47
C ASP B 98 -8.21 0.39 -8.06
N ARG B 99 -9.25 -0.20 -7.45
CA ARG B 99 -10.63 -0.07 -7.92
C ARG B 99 -11.21 1.34 -7.70
N LEU B 100 -10.49 2.20 -6.98
CA LEU B 100 -10.84 3.63 -7.01
C LEU B 100 -10.66 4.20 -8.41
N GLY B 101 -9.93 3.51 -9.26
CA GLY B 101 -9.82 3.97 -10.62
C GLY B 101 -10.55 3.10 -11.61
N ASP B 102 -11.65 2.15 -11.19
CA ASP B 102 -12.33 1.35 -12.21
C ASP B 102 -13.06 2.22 -13.24
N ALA B 103 -13.20 1.66 -14.35
CA ALA B 103 -13.92 2.31 -15.43
C ALA B 103 -15.37 2.56 -15.04
N LYS B 104 -15.94 1.65 -14.29
CA LYS B 104 -17.34 1.74 -13.92
C LYS B 104 -17.62 2.62 -12.72
N ASP B 105 -18.44 3.64 -12.96
CA ASP B 105 -18.82 4.61 -11.94
C ASP B 105 -19.34 3.97 -10.65
N SER B 106 -20.20 2.99 -10.76
CA SER B 106 -20.75 2.33 -9.61
C SER B 106 -19.68 1.64 -8.77
N VAL B 107 -18.65 1.10 -9.42
CA VAL B 107 -17.58 0.45 -8.68
C VAL B 107 -16.75 1.45 -7.91
N ARG B 108 -16.38 2.55 -8.53
CA ARG B 108 -15.65 3.56 -7.81
C ARG B 108 -16.50 4.12 -6.65
N GLU B 109 -17.79 4.29 -6.88
CA GLU B 109 -18.59 4.93 -5.86
C GLU B 109 -18.76 3.98 -4.67
N GLN B 110 -19.04 2.72 -4.98
CA GLN B 110 -19.28 1.71 -3.96
C GLN B 110 -18.03 1.47 -3.13
N ASP B 111 -16.90 1.46 -3.85
CA ASP B 111 -15.52 1.37 -3.29
C ASP B 111 -15.26 2.48 -2.28
N GLN B 112 -15.45 3.74 -2.70
CA GLN B 112 -15.28 4.88 -1.77
C GLN B 112 -16.11 4.70 -0.53
N THR B 113 -17.36 4.30 -0.75
CA THR B 113 -18.27 4.03 0.37
C THR B 113 -17.70 3.00 1.37
N LEU B 114 -17.22 1.89 0.83
CA LEU B 114 -16.61 0.85 1.64
C LEU B 114 -15.37 1.39 2.39
N LEU B 115 -14.54 2.16 1.73
CA LEU B 115 -13.37 2.75 2.38
C LEU B 115 -13.78 3.64 3.58
N LEU B 116 -14.79 4.49 3.39
CA LEU B 116 -15.24 5.34 4.49
C LEU B 116 -15.75 4.46 5.63
N LYS B 117 -16.41 3.36 5.28
CA LYS B 117 -16.91 2.47 6.32
C LYS B 117 -15.80 1.73 7.08
N ILE B 118 -14.74 1.36 6.39
CA ILE B 118 -13.59 0.74 7.05
C ILE B 118 -12.98 1.73 8.02
N ASP B 120 -14.51 4.06 9.49
CA ASP B 120 -15.35 4.39 10.63
C ASP B 120 -15.65 3.22 11.57
N GLN B 121 -15.68 1.99 11.06
CA GLN B 121 -16.06 0.84 11.88
C GLN B 121 -14.95 -0.17 12.15
N ALA B 122 -13.85 -0.15 11.39
CA ALA B 122 -12.80 -1.14 11.62
C ALA B 122 -11.56 -0.57 12.30
N ALA B 123 -11.23 0.69 12.04
CA ALA B 123 -10.06 1.34 12.65
C ALA B 123 -10.41 2.81 12.86
N ASN B 124 -9.54 3.70 12.40
CA ASN B 124 -9.85 5.13 12.41
C ASN B 124 -9.30 5.72 11.12
N PRO B 125 -9.75 6.93 10.73
CA PRO B 125 -9.33 7.48 9.45
C PRO B 125 -7.82 7.47 9.22
N GLN B 126 -7.01 7.85 10.20
CA GLN B 126 -5.58 7.99 9.97
C GLN B 126 -4.91 6.63 9.81
N TYR B 127 -5.40 5.63 10.54
CA TYR B 127 -4.86 4.28 10.38
C TYR B 127 -4.98 3.80 8.95
N VAL B 128 -6.13 4.05 8.36
CA VAL B 128 -6.40 3.66 6.98
C VAL B 128 -5.58 4.52 6.02
N TRP B 129 -5.52 5.82 6.30
CA TRP B 129 -4.82 6.71 5.36
C TRP B 129 -3.29 6.52 5.32
N ASP B 130 -2.71 6.11 6.46
CA ASP B 130 -1.31 5.75 6.51
C ASP B 130 -1.01 4.68 5.48
N ARG B 131 -2.00 3.81 5.26
CA ARG B 131 -1.84 2.65 4.40
C ARG B 131 -2.36 2.88 2.98
N LEU B 133 -1.39 5.87 1.11
CA LEU B 133 -0.62 6.92 0.43
C LEU B 133 -0.02 6.47 -0.90
N GLY B 134 0.21 5.17 -1.02
CA GLY B 134 0.71 4.58 -2.26
C GLY B 134 -0.21 4.91 -3.43
N GLY B 135 -1.50 5.03 -3.15
CA GLY B 135 -2.48 5.40 -4.18
C GLY B 135 -2.18 6.73 -4.87
N PHE B 136 -1.52 7.66 -4.17
CA PHE B 136 -1.17 8.93 -4.81
C PHE B 136 -0.23 8.73 -6.00
N LYS B 137 0.43 7.57 -6.04
CA LYS B 137 1.46 7.30 -7.06
C LYS B 137 1.03 6.24 -8.07
N HIS B 138 -0.26 5.87 -8.02
CA HIS B 138 -0.83 4.84 -8.88
C HIS B 138 -0.80 5.35 -10.31
N LYS B 139 -0.49 4.47 -11.24
CA LYS B 139 -0.34 4.88 -12.63
C LYS B 139 -1.68 5.23 -13.30
N ASN B 140 -2.79 4.76 -12.73
CA ASN B 140 -4.11 5.12 -13.25
C ASN B 140 -4.57 6.48 -12.72
N PHE B 141 -4.75 7.44 -13.62
CA PHE B 141 -5.15 8.80 -13.28
C PHE B 141 -6.46 8.82 -12.50
N ARG B 142 -7.36 7.88 -12.81
CA ARG B 142 -8.66 7.83 -12.15
C ARG B 142 -8.54 7.42 -10.69
N THR B 143 -7.45 6.68 -10.42
CA THR B 143 -7.11 6.30 -9.06
C THR B 143 -6.48 7.49 -8.31
N ARG B 144 -5.64 8.28 -8.97
CA ARG B 144 -5.08 9.42 -8.26
C ARG B 144 -6.19 10.45 -7.93
N GLU B 145 -7.02 10.73 -8.95
CA GLU B 145 -8.21 11.54 -8.74
C GLU B 145 -9.07 10.96 -7.62
N GLY B 146 -9.32 9.65 -7.70
CA GLY B 146 -10.12 8.96 -6.69
C GLY B 146 -9.59 9.10 -5.28
N ILE B 147 -8.27 9.08 -5.16
CA ILE B 147 -7.61 9.23 -3.89
C ILE B 147 -7.96 10.62 -3.35
N CYS B 148 -7.85 11.64 -4.20
CA CYS B 148 -8.22 12.98 -3.71
C CYS B 148 -9.71 13.11 -3.30
N LEU B 149 -10.60 12.56 -4.13
CA LEU B 149 -12.03 12.56 -3.85
C LEU B 149 -12.32 11.90 -2.53
N CYS B 150 -11.60 10.82 -2.25
CA CYS B 150 -11.80 10.08 -1.01
C CYS B 150 -11.22 10.85 0.17
N LEU B 151 -10.22 11.68 -0.11
CA LEU B 151 -9.74 12.55 0.98
C LEU B 151 -10.83 13.57 1.32
N ILE B 152 -11.36 14.24 0.30
CA ILE B 152 -12.50 15.12 0.52
C ILE B 152 -13.64 14.45 1.28
N ALA B 153 -14.07 13.27 0.82
CA ALA B 153 -15.15 12.54 1.47
C ALA B 153 -14.83 12.19 2.91
N THR B 154 -13.55 11.86 3.20
CA THR B 154 -13.13 11.63 4.60
C THR B 154 -13.27 12.90 5.42
N LEU B 155 -12.90 14.04 4.84
CA LEU B 155 -13.05 15.30 5.57
C LEU B 155 -14.50 15.59 5.89
N ASN B 156 -15.37 15.35 4.93
CA ASN B 156 -16.80 15.54 5.15
C ASN B 156 -17.40 14.57 6.17
N ALA B 157 -16.99 13.30 6.12
CA ALA B 157 -17.57 12.29 7.01
C ALA B 157 -17.02 12.30 8.43
N SER B 158 -15.71 12.40 8.58
CA SER B 158 -15.03 12.15 9.86
C SER B 158 -14.37 13.38 10.43
N GLY B 159 -14.10 14.37 9.57
CA GLY B 159 -13.48 15.61 10.00
C GLY B 159 -11.95 15.58 10.04
N ALA B 160 -11.35 16.76 10.00
CA ALA B 160 -9.89 16.92 9.91
C ALA B 160 -9.13 16.54 11.18
N GLN B 161 -9.81 16.61 12.33
CA GLN B 161 -9.21 16.27 13.61
C GLN B 161 -8.60 14.86 13.62
N THR B 162 -9.23 13.94 12.88
CA THR B 162 -8.83 12.53 12.90
C THR B 162 -7.70 12.22 11.94
N LEU B 163 -7.24 13.22 11.20
CA LEU B 163 -6.19 13.03 10.22
C LEU B 163 -4.93 13.81 10.59
N THR B 164 -3.78 13.20 10.32
CA THR B 164 -2.52 13.91 10.35
C THR B 164 -2.31 14.50 8.97
N LEU B 165 -2.90 15.66 8.72
CA LEU B 165 -2.86 16.26 7.39
C LEU B 165 -1.43 16.58 6.95
N SER B 166 -0.55 16.78 7.91
CA SER B 166 0.83 17.10 7.59
C SER B 166 1.53 15.99 6.83
N LYS B 167 1.02 14.75 6.94
N LYS B 167 0.98 14.78 6.91
CA LYS B 167 1.57 13.62 6.16
CA LYS B 167 1.54 13.62 6.23
C LYS B 167 1.05 13.60 4.74
C LYS B 167 0.95 13.42 4.83
N ILE B 168 -0.16 14.10 4.56
CA ILE B 168 -0.92 13.87 3.33
C ILE B 168 -0.81 15.04 2.36
N VAL B 169 -0.91 16.26 2.88
CA VAL B 169 -0.80 17.46 2.05
C VAL B 169 0.37 17.43 1.05
N PRO B 170 1.57 16.97 1.48
CA PRO B 170 2.66 16.90 0.49
C PRO B 170 2.35 16.09 -0.79
N HIS B 171 1.67 14.95 -0.64
CA HIS B 171 1.31 14.13 -1.79
C HIS B 171 0.38 14.91 -2.72
N ILE B 172 -0.62 15.58 -2.16
CA ILE B 172 -1.54 16.43 -2.94
C ILE B 172 -0.77 17.52 -3.69
N CYS B 173 0.22 18.07 -3.02
CA CYS B 173 1.08 19.07 -3.63
C CYS B 173 1.75 18.52 -4.86
N ASN B 174 2.32 17.32 -4.74
CA ASN B 174 2.86 16.68 -5.93
C ASN B 174 1.79 16.49 -7.00
N LEU B 175 0.56 16.21 -6.60
CA LEU B 175 -0.46 16.01 -7.62
C LEU B 175 -0.81 17.32 -8.34
N LEU B 176 -0.45 18.45 -7.73
CA LEU B 176 -0.68 19.72 -8.44
C LEU B 176 0.06 19.79 -9.79
N GLY B 177 1.18 19.07 -9.89
CA GLY B 177 1.92 18.98 -11.13
C GLY B 177 1.72 17.66 -11.88
N ASP B 178 0.57 17.04 -11.70
CA ASP B 178 0.23 15.79 -12.38
C ASP B 178 0.11 16.07 -13.85
N PRO B 179 0.46 15.09 -14.69
CA PRO B 179 0.23 15.21 -16.14
C PRO B 179 -1.25 15.37 -16.52
N ASN B 180 -2.15 14.88 -15.67
CA ASN B 180 -3.57 14.83 -16.04
C ASN B 180 -4.39 15.96 -15.37
N SER B 181 -5.09 16.75 -16.20
CA SER B 181 -5.78 17.95 -15.72
C SER B 181 -6.88 17.66 -14.70
N GLN B 182 -7.58 16.55 -14.88
CA GLN B 182 -8.58 16.15 -13.89
C GLN B 182 -7.95 15.84 -12.53
N VAL B 183 -6.76 15.23 -12.55
CA VAL B 183 -6.04 14.99 -11.32
C VAL B 183 -5.61 16.31 -10.66
N ARG B 184 -5.05 17.25 -11.42
CA ARG B 184 -4.64 18.55 -10.89
C ARG B 184 -5.83 19.31 -10.28
N ASP B 185 -6.97 19.25 -10.96
CA ASP B 185 -8.23 19.81 -10.45
C ASP B 185 -8.59 19.16 -9.12
N ALA B 186 -8.56 17.83 -9.09
CA ALA B 186 -8.90 17.12 -7.88
C ALA B 186 -7.98 17.58 -6.74
N ALA B 187 -6.70 17.78 -7.05
CA ALA B 187 -5.73 18.13 -6.02
C ALA B 187 -5.97 19.54 -5.48
N ILE B 188 -6.16 20.49 -6.38
CA ILE B 188 -6.42 21.85 -5.88
C ILE B 188 -7.74 21.87 -5.06
N ASN B 189 -8.80 21.24 -5.56
CA ASN B 189 -10.03 21.10 -4.77
C ASN B 189 -9.77 20.56 -3.38
N SER B 190 -8.95 19.52 -3.33
CA SER B 190 -8.56 18.90 -2.07
C SER B 190 -7.88 19.86 -1.12
N LEU B 191 -6.89 20.62 -1.62
CA LEU B 191 -6.17 21.55 -0.74
C LEU B 191 -7.09 22.64 -0.22
N VAL B 192 -7.98 23.13 -1.09
CA VAL B 192 -8.95 24.13 -0.65
C VAL B 192 -9.91 23.57 0.40
N GLU B 193 -10.35 22.33 0.23
CA GLU B 193 -11.25 21.76 1.21
C GLU B 193 -10.54 21.56 2.55
N ILE B 194 -9.32 21.05 2.49
CA ILE B 194 -8.49 20.95 3.68
C ILE B 194 -8.41 22.31 4.38
N TYR B 195 -8.15 23.38 3.63
CA TYR B 195 -8.08 24.71 4.26
C TYR B 195 -9.43 25.06 4.89
N ARG B 196 -10.50 24.77 4.18
CA ARG B 196 -11.84 25.00 4.67
C ARG B 196 -12.05 24.36 6.05
N HIS B 197 -11.45 23.18 6.26
CA HIS B 197 -11.61 22.48 7.54
C HIS B 197 -10.59 22.88 8.61
N VAL B 198 -9.44 23.41 8.19
CA VAL B 198 -8.29 23.53 9.10
C VAL B 198 -7.73 24.95 9.28
N GLY B 199 -7.75 25.75 8.22
CA GLY B 199 -7.26 27.12 8.32
C GLY B 199 -5.78 27.29 7.99
N GLU B 200 -5.17 28.33 8.54
CA GLU B 200 -3.82 28.80 8.18
C GLU B 200 -2.70 27.77 8.32
N ARG B 201 -2.87 26.84 9.25
CA ARG B 201 -1.92 25.77 9.47
C ARG B 201 -1.50 25.10 8.15
N VAL B 202 -2.49 24.90 7.28
CA VAL B 202 -2.27 24.35 5.95
C VAL B 202 -1.43 25.31 5.11
N ARG B 203 -1.64 26.61 5.31
CA ARG B 203 -0.88 27.62 4.58
C ARG B 203 0.59 27.61 4.95
N ALA B 204 0.87 27.55 6.25
CA ALA B 204 2.24 27.45 6.75
C ALA B 204 2.91 26.17 6.21
N ASP B 205 2.19 25.07 6.41
CA ASP B 205 2.57 23.78 5.88
C ASP B 205 3.01 23.86 4.40
N LEU B 206 2.15 24.46 3.58
CA LEU B 206 2.44 24.61 2.16
C LEU B 206 3.66 25.49 1.92
N SER B 207 3.79 26.54 2.73
CA SER B 207 4.88 27.52 2.61
C SER B 207 6.24 26.89 2.86
N LYS B 208 6.26 25.84 3.69
CA LYS B 208 7.53 25.17 3.98
C LYS B 208 7.94 24.09 2.96
N LYS B 209 7.38 24.13 1.74
CA LYS B 209 7.63 23.08 0.77
C LYS B 209 8.34 23.44 -0.54
N GLY B 210 8.76 24.69 -0.69
CA GLY B 210 9.43 25.10 -1.91
C GLY B 210 8.75 24.78 -3.24
N LEU B 211 7.46 25.09 -3.37
CA LEU B 211 6.73 24.94 -4.63
C LEU B 211 7.06 26.12 -5.55
N PRO B 212 6.54 26.14 -6.78
CA PRO B 212 6.77 27.42 -7.45
C PRO B 212 5.92 28.50 -6.79
N GLN B 213 6.33 29.75 -6.94
CA GLN B 213 5.59 30.83 -6.33
C GLN B 213 4.37 31.08 -7.20
N SER B 214 4.45 30.64 -8.45
CA SER B 214 3.33 30.72 -9.38
C SER B 214 2.12 29.95 -8.86
N ARG B 215 2.34 28.73 -8.38
CA ARG B 215 1.27 27.88 -7.85
C ARG B 215 0.83 28.37 -6.47
N LEU B 216 1.82 28.60 -5.62
CA LEU B 216 1.59 29.14 -4.29
C LEU B 216 0.68 30.36 -4.34
N ASN B 217 0.86 31.22 -5.34
CA ASN B 217 0.01 32.41 -5.43
C ASN B 217 -1.46 32.05 -5.65
N VAL B 218 -1.73 31.16 -6.61
CA VAL B 218 -3.09 30.72 -6.88
C VAL B 218 -3.72 30.10 -5.64
N ILE B 219 -2.98 29.22 -4.99
CA ILE B 219 -3.52 28.49 -3.86
C ILE B 219 -3.77 29.41 -2.65
N PHE B 220 -2.79 30.23 -2.30
CA PHE B 220 -2.92 31.18 -1.20
C PHE B 220 -4.05 32.17 -1.45
N THR B 221 -4.18 32.61 -2.69
CA THR B 221 -5.29 33.48 -3.07
C THR B 221 -6.63 32.73 -2.88
N LYS B 222 -6.69 31.46 -3.26
CA LYS B 222 -7.92 30.73 -3.05
C LYS B 222 -8.24 30.61 -1.55
N PHE B 223 -7.20 30.41 -0.74
CA PHE B 223 -7.37 30.41 0.73
C PHE B 223 -7.94 31.75 1.23
N ASP B 224 -7.35 32.83 0.73
CA ASP B 224 -7.81 34.18 1.08
C ASP B 224 -9.28 34.34 0.72
N GLU B 225 -9.65 33.92 -0.49
CA GLU B 225 -11.04 33.99 -0.92
C GLU B 225 -11.94 33.22 0.03
N VAL B 226 -11.50 32.02 0.44
CA VAL B 226 -12.30 31.26 1.39
C VAL B 226 -12.54 32.04 2.67
N GLN B 227 -11.47 32.60 3.25
CA GLN B 227 -11.65 33.46 4.44
C GLN B 227 -12.67 34.57 4.19
N LYS B 228 -12.44 35.32 3.12
CA LYS B 228 -13.28 36.45 2.71
C LYS B 228 -14.77 36.10 2.56
N SER B 229 -15.08 34.91 2.04
CA SER B 229 -16.47 34.55 1.75
C SER B 229 -17.16 33.91 2.97
N GLY B 230 -16.41 33.77 4.05
CA GLY B 230 -16.85 33.11 5.26
C GLY B 230 -17.21 31.63 5.11
N ASN B 231 -16.65 30.97 4.10
CA ASN B 231 -16.96 29.55 3.87
C ASN B 231 -16.02 28.59 4.59
N ILE B 233 -15.53 25.59 7.22
CA ILE B 233 -16.15 24.43 7.89
C ILE B 233 -15.77 24.02 9.32
N GLN B 234 -15.72 24.94 10.25
CA GLN B 234 -15.42 24.48 11.57
C GLN B 234 -16.58 24.59 12.55
#